data_7C5V
#
_entry.id   7C5V
#
_cell.length_a   52.841
_cell.length_b   83.734
_cell.length_c   87.267
_cell.angle_alpha   90.000
_cell.angle_beta   90.000
_cell.angle_gamma   90.000
#
_symmetry.space_group_name_H-M   'P 21 21 2'
#
loop_
_entity.id
_entity.type
_entity.pdbx_description
1 polymer 'iota-carbonic anhydrase'
2 non-polymer 'BICARBONATE ION'
3 water water
#
_entity_poly.entity_id   1
_entity_poly.type   'polypeptide(L)'
_entity_poly.pdbx_seq_one_letter_code
;GSHDSGDKITATSSLKTPIVNRAITESEVLAAQKAWGEALVAISTTYDAKGKASAKALAEKVIDDAYGYQFGPVLFKPTL
AISPRTFRTTRAGALAYFVGDDKAFPEDKGFALSSWRKVEIKNAAIFITGNTATTMGNVIITDKQGKATTVDKTWQFLKD
DHGKLRIITHHSSLPYEQ
;
_entity_poly.pdbx_strand_id   A,B
#
loop_
_chem_comp.id
_chem_comp.type
_chem_comp.name
_chem_comp.formula
BCT non-polymer 'BICARBONATE ION' 'C H O3 -1'
#
# COMPACT_ATOMS: atom_id res chain seq x y z
N LEU A 15 -41.62 14.17 2.15
CA LEU A 15 -40.34 14.42 2.82
C LEU A 15 -39.27 13.40 2.37
N LYS A 16 -38.02 13.62 2.82
CA LYS A 16 -36.92 12.77 2.40
C LYS A 16 -37.16 11.33 2.86
N THR A 17 -36.81 10.41 1.98
CA THR A 17 -36.74 9.00 2.34
C THR A 17 -35.61 8.77 3.32
N PRO A 18 -35.86 8.16 4.49
CA PRO A 18 -34.74 7.75 5.36
C PRO A 18 -33.82 6.80 4.62
N ILE A 19 -32.52 7.06 4.74
CA ILE A 19 -31.51 6.32 3.98
C ILE A 19 -30.29 6.12 4.85
N VAL A 20 -29.85 4.87 4.98
CA VAL A 20 -28.55 4.56 5.57
C VAL A 20 -27.55 4.40 4.43
N ASN A 21 -26.42 5.10 4.53
CA ASN A 21 -25.39 5.10 3.50
C ASN A 21 -24.05 4.68 4.12
N ARG A 22 -23.64 3.45 3.90
CA ARG A 22 -22.36 2.95 4.37
C ARG A 22 -21.25 3.13 3.36
N ALA A 23 -21.60 3.48 2.13
CA ALA A 23 -20.59 3.65 1.11
C ALA A 23 -19.83 4.95 1.35
N ILE A 24 -18.61 4.97 0.83
CA ILE A 24 -17.70 6.10 0.91
C ILE A 24 -17.81 6.89 -0.38
N THR A 25 -17.82 8.21 -0.26
CA THR A 25 -17.80 9.09 -1.42
C THR A 25 -16.41 9.71 -1.59
N GLU A 26 -16.13 10.15 -2.83
CA GLU A 26 -14.89 10.86 -3.09
C GLU A 26 -14.71 12.02 -2.12
N SER A 27 -15.80 12.76 -1.84
CA SER A 27 -15.73 13.86 -0.89
C SER A 27 -15.24 13.37 0.47
N GLU A 28 -15.78 12.24 0.92
CA GLU A 28 -15.36 11.71 2.21
C GLU A 28 -13.89 11.31 2.21
N VAL A 29 -13.41 10.68 1.12
CA VAL A 29 -12.01 10.26 1.05
C VAL A 29 -11.09 11.47 1.18
N LEU A 30 -11.35 12.50 0.37
CA LEU A 30 -10.47 13.66 0.33
C LEU A 30 -10.48 14.40 1.65
N ALA A 31 -11.64 14.54 2.28
CA ALA A 31 -11.69 15.09 3.63
C ALA A 31 -10.84 14.28 4.59
N ALA A 32 -10.77 12.96 4.39
CA ALA A 32 -10.06 12.11 5.33
C ALA A 32 -8.55 12.28 5.18
N GLN A 33 -8.05 12.27 3.93
CA GLN A 33 -6.65 12.58 3.69
C GLN A 33 -6.29 13.95 4.26
N LYS A 34 -7.14 14.94 4.02
CA LYS A 34 -6.89 16.28 4.53
C LYS A 34 -6.76 16.26 6.04
N ALA A 35 -7.69 15.56 6.71
CA ALA A 35 -7.71 15.54 8.17
C ALA A 35 -6.46 14.90 8.75
N TRP A 36 -5.90 13.90 8.06
CA TRP A 36 -4.66 13.29 8.50
C TRP A 36 -3.53 14.31 8.51
N GLY A 37 -3.31 14.98 7.37
CA GLY A 37 -2.34 16.05 7.31
C GLY A 37 -2.57 17.10 8.38
N GLU A 38 -3.82 17.48 8.60
CA GLU A 38 -4.11 18.45 9.64
C GLU A 38 -3.70 17.92 11.01
N ALA A 39 -3.93 16.62 11.25
CA ALA A 39 -3.50 16.03 12.51
C ALA A 39 -1.99 16.03 12.64
N LEU A 40 -1.29 15.67 11.55
CA LEU A 40 0.17 15.62 11.58
C LEU A 40 0.75 16.95 11.99
N VAL A 41 0.30 18.02 11.34
CA VAL A 41 0.80 19.35 11.66
C VAL A 41 0.36 19.74 13.06
N ALA A 42 -0.81 19.27 13.51
CA ALA A 42 -1.22 19.54 14.88
C ALA A 42 -0.27 18.89 15.89
N ILE A 43 0.13 17.65 15.64
CA ILE A 43 1.08 16.99 16.55
C ILE A 43 2.43 17.71 16.53
N SER A 44 2.95 18.01 15.34
CA SER A 44 4.24 18.72 15.26
C SER A 44 4.15 20.09 15.91
N THR A 45 3.07 20.81 15.66
CA THR A 45 2.93 22.17 16.15
C THR A 45 2.72 22.19 17.64
N THR A 46 2.07 21.16 18.20
CA THR A 46 1.93 21.08 19.64
C THR A 46 3.26 20.77 20.32
N TYR A 47 4.11 19.96 19.69
CA TYR A 47 5.42 19.69 20.25
C TYR A 47 6.23 20.98 20.38
N ASP A 48 6.48 21.66 19.26
CA ASP A 48 7.22 22.92 19.29
C ASP A 48 6.64 23.92 20.27
N ALA A 49 5.33 23.87 20.52
CA ALA A 49 4.71 24.89 21.35
C ALA A 49 4.32 24.41 22.74
N LYS A 50 4.47 23.12 23.05
CA LYS A 50 4.01 22.61 24.35
C LYS A 50 4.83 21.45 24.90
N GLY A 51 5.72 20.85 24.12
CA GLY A 51 6.60 19.80 24.62
C GLY A 51 6.13 18.40 24.27
N LYS A 52 7.00 17.43 24.57
CA LYS A 52 6.69 16.02 24.27
C LYS A 52 5.35 15.60 24.85
N ALA A 53 5.14 15.82 26.14
CA ALA A 53 3.92 15.34 26.81
C ALA A 53 2.67 15.72 26.02
N SER A 54 2.45 17.02 25.83
CA SER A 54 1.24 17.46 25.13
C SER A 54 1.16 16.91 23.71
N ALA A 55 2.31 16.78 23.02
CA ALA A 55 2.31 16.23 21.66
C ALA A 55 1.97 14.74 21.67
N LYS A 56 2.59 13.96 22.56
CA LYS A 56 2.27 12.55 22.67
C LYS A 56 0.80 12.35 23.01
N ALA A 57 0.26 13.19 23.89
CA ALA A 57 -1.14 13.09 24.25
C ALA A 57 -2.04 13.32 23.05
N LEU A 58 -1.69 14.32 22.24
CA LEU A 58 -2.46 14.59 21.02
C LEU A 58 -2.38 13.42 20.04
N ALA A 59 -1.20 12.80 19.89
CA ALA A 59 -1.06 11.71 18.94
C ALA A 59 -1.91 10.51 19.35
N GLU A 60 -2.05 10.26 20.65
CA GLU A 60 -2.91 9.16 21.11
C GLU A 60 -4.34 9.35 20.60
N LYS A 61 -4.90 10.55 20.81
CA LYS A 61 -6.22 10.86 20.29
C LYS A 61 -6.24 10.80 18.77
N VAL A 62 -5.14 11.21 18.13
CA VAL A 62 -5.08 11.17 16.67
C VAL A 62 -5.17 9.72 16.18
N ILE A 63 -4.27 8.87 16.66
CA ILE A 63 -4.24 7.48 16.20
C ILE A 63 -5.56 6.79 16.53
N ASP A 64 -6.17 7.14 17.66
CA ASP A 64 -7.45 6.54 18.01
C ASP A 64 -8.56 7.04 17.11
N ASP A 65 -8.47 8.29 16.65
CA ASP A 65 -9.53 8.83 15.81
C ASP A 65 -9.41 8.35 14.37
N ALA A 66 -8.20 8.41 13.81
CA ALA A 66 -8.00 8.27 12.37
C ALA A 66 -7.59 6.88 11.90
N TYR A 67 -7.08 6.03 12.79
CA TYR A 67 -6.73 4.65 12.47
C TYR A 67 -7.79 3.71 13.03
N GLY A 68 -7.76 2.48 12.53
CA GLY A 68 -8.78 1.50 12.90
C GLY A 68 -8.27 0.38 13.78
N TYR A 69 -7.33 0.66 14.68
CA TYR A 69 -6.78 -0.40 15.53
C TYR A 69 -7.87 -1.09 16.34
N GLN A 70 -8.97 -0.37 16.60
CA GLN A 70 -10.13 -0.99 17.25
C GLN A 70 -10.55 -2.30 16.58
N PHE A 71 -10.40 -2.39 15.27
CA PHE A 71 -10.87 -3.57 14.54
C PHE A 71 -9.90 -4.73 14.59
N GLY A 72 -8.70 -4.53 15.12
CA GLY A 72 -7.65 -5.50 14.95
C GLY A 72 -6.42 -4.82 14.37
N PRO A 73 -5.53 -5.59 13.76
CA PRO A 73 -4.33 -4.98 13.17
C PRO A 73 -4.69 -3.91 12.15
N VAL A 74 -3.87 -2.86 12.12
CA VAL A 74 -3.83 -1.92 11.02
C VAL A 74 -2.59 -2.25 10.21
N LEU A 75 -2.73 -2.28 8.88
CA LEU A 75 -1.63 -2.63 7.98
C LEU A 75 -0.82 -1.35 7.77
N PHE A 76 0.00 -1.02 8.77
CA PHE A 76 0.77 0.22 8.81
C PHE A 76 2.23 -0.14 8.58
N LYS A 77 2.76 0.25 7.43
CA LYS A 77 4.19 0.11 7.14
C LYS A 77 4.72 1.52 6.95
N PRO A 78 5.40 2.08 7.94
CA PRO A 78 5.79 3.50 7.88
C PRO A 78 7.05 3.70 7.04
N THR A 79 7.27 4.95 6.64
CA THR A 79 8.35 5.26 5.70
C THR A 79 9.69 4.69 6.16
N LEU A 80 10.05 4.91 7.43
CA LEU A 80 11.41 4.70 7.89
C LEU A 80 11.52 3.66 9.01
N ALA A 81 10.56 2.75 9.12
CA ALA A 81 10.64 1.66 10.08
C ALA A 81 11.63 0.61 9.62
N ILE A 82 12.29 -0.04 10.57
CA ILE A 82 13.41 -0.93 10.26
C ILE A 82 13.00 -2.37 10.51
N SER A 83 13.76 -3.29 9.89
CA SER A 83 13.32 -4.65 9.54
C SER A 83 12.72 -5.48 10.67
N PRO A 84 13.24 -5.49 11.89
CA PRO A 84 12.52 -6.26 12.94
C PRO A 84 11.12 -5.72 13.22
N ARG A 85 10.91 -4.41 13.05
CA ARG A 85 9.62 -3.78 13.33
C ARG A 85 9.15 -2.97 12.13
N THR A 86 9.19 -3.61 10.96
CA THR A 86 8.76 -2.95 9.73
C THR A 86 7.27 -2.61 9.78
N PHE A 87 6.46 -3.54 10.26
CA PHE A 87 5.01 -3.41 10.19
C PHE A 87 4.47 -3.08 11.58
N ARG A 88 3.76 -1.95 11.68
CA ARG A 88 3.21 -1.47 12.94
C ARG A 88 1.73 -1.83 12.98
N THR A 89 1.46 -3.06 13.41
CA THR A 89 0.11 -3.59 13.52
C THR A 89 -0.56 -3.24 14.85
N THR A 90 0.17 -2.59 15.77
CA THR A 90 -0.25 -2.29 17.13
C THR A 90 -0.38 -0.79 17.31
N ARG A 91 -1.37 -0.34 18.12
CA ARG A 91 -1.48 1.08 18.40
C ARG A 91 -0.17 1.62 18.94
N ALA A 92 0.51 0.86 19.82
CA ALA A 92 1.78 1.34 20.39
C ALA A 92 2.88 1.46 19.33
N GLY A 93 2.86 0.60 18.31
CA GLY A 93 3.76 0.78 17.19
C GLY A 93 3.50 2.07 16.43
N ALA A 94 2.23 2.40 16.20
CA ALA A 94 1.91 3.63 15.47
C ALA A 94 2.26 4.86 16.30
N LEU A 95 1.86 4.86 17.57
CA LEU A 95 2.26 5.93 18.47
C LEU A 95 3.77 6.08 18.57
N ALA A 96 4.50 4.97 18.67
CA ALA A 96 5.95 5.06 18.77
C ALA A 96 6.54 5.67 17.50
N TYR A 97 6.05 5.27 16.33
CA TYR A 97 6.60 5.82 15.10
C TYR A 97 6.40 7.33 15.05
N PHE A 98 5.28 7.80 15.58
CA PHE A 98 4.98 9.22 15.43
C PHE A 98 5.72 10.06 16.46
N VAL A 99 5.83 9.59 17.69
CA VAL A 99 6.38 10.42 18.75
C VAL A 99 7.52 9.74 19.50
N GLY A 100 7.97 8.57 19.03
CA GLY A 100 9.05 7.84 19.70
C GLY A 100 8.71 7.52 21.15
N ASP A 101 9.74 7.50 21.99
CA ASP A 101 9.55 7.49 23.44
C ASP A 101 9.04 6.13 23.93
N ASP A 102 9.55 5.05 23.31
CA ASP A 102 9.07 3.70 23.60
C ASP A 102 10.22 2.73 23.33
N LYS A 103 10.89 2.27 24.40
CA LYS A 103 12.01 1.36 24.23
C LYS A 103 11.61 0.05 23.58
N ALA A 104 10.30 -0.21 23.42
CA ALA A 104 9.88 -1.34 22.60
C ALA A 104 10.18 -1.08 21.13
N PHE A 105 10.35 0.18 20.76
CA PHE A 105 10.68 0.58 19.39
C PHE A 105 11.88 1.53 19.50
N PRO A 106 13.07 0.98 19.78
CA PRO A 106 14.21 1.85 20.14
C PRO A 106 14.68 2.73 18.99
N GLU A 107 14.35 2.39 17.75
CA GLU A 107 14.80 3.16 16.61
C GLU A 107 13.91 4.37 16.32
N ASP A 108 12.89 4.61 17.13
CA ASP A 108 11.84 5.53 16.77
C ASP A 108 12.08 6.87 17.46
N LYS A 109 12.54 7.85 16.67
CA LYS A 109 12.86 9.15 17.23
C LYS A 109 11.64 10.04 17.36
N GLY A 110 10.57 9.75 16.62
CA GLY A 110 9.36 10.57 16.66
C GLY A 110 9.12 11.36 15.39
N PHE A 111 8.62 10.69 14.35
CA PHE A 111 8.51 11.29 13.03
C PHE A 111 7.73 12.60 13.03
N ALA A 112 6.67 12.68 13.83
CA ALA A 112 5.82 13.87 13.85
C ALA A 112 6.43 15.05 14.61
N LEU A 113 7.61 14.89 15.19
CA LEU A 113 8.22 15.95 16.00
C LEU A 113 9.15 16.86 15.20
N SER A 114 9.22 16.70 13.87
CA SER A 114 10.12 17.45 13.00
C SER A 114 9.55 18.79 12.58
N SER A 115 8.79 19.47 13.46
CA SER A 115 8.35 20.84 13.23
C SER A 115 7.70 20.99 11.86
N TRP A 116 6.79 20.05 11.55
CA TRP A 116 6.08 20.09 10.28
C TRP A 116 5.13 21.27 10.28
N ARG A 117 4.78 21.75 9.08
CA ARG A 117 3.89 22.90 8.96
C ARG A 117 2.95 22.87 7.76
N LYS A 118 3.19 22.07 6.72
CA LYS A 118 2.25 21.97 5.60
C LYS A 118 2.23 20.55 5.07
N VAL A 119 1.07 20.15 4.54
CA VAL A 119 0.84 18.81 4.00
C VAL A 119 0.13 18.94 2.66
N GLU A 120 0.63 18.23 1.64
CA GLU A 120 0.07 18.27 0.29
C GLU A 120 -0.21 16.85 -0.19
N ILE A 121 -1.45 16.60 -0.60
CA ILE A 121 -1.85 15.29 -1.10
C ILE A 121 -1.99 15.38 -2.61
N LYS A 122 -1.25 14.55 -3.32
CA LYS A 122 -1.36 14.42 -4.77
C LYS A 122 -1.71 12.97 -5.04
N ASN A 123 -3.00 12.69 -5.21
CA ASN A 123 -3.44 11.33 -5.49
C ASN A 123 -3.20 10.99 -6.96
N ALA A 124 -2.68 9.80 -7.22
CA ALA A 124 -2.56 9.32 -8.58
C ALA A 124 -3.76 8.51 -9.02
N ALA A 125 -4.47 7.91 -8.07
CA ALA A 125 -5.60 7.05 -8.35
C ALA A 125 -6.37 6.83 -7.05
N ILE A 126 -7.69 6.68 -7.17
CA ILE A 126 -8.59 6.43 -6.06
C ILE A 126 -9.46 5.24 -6.45
N PHE A 127 -9.71 4.31 -5.54
CA PHE A 127 -10.53 3.14 -5.84
C PHE A 127 -11.53 2.94 -4.70
N ILE A 128 -12.82 3.14 -4.99
CA ILE A 128 -13.87 3.03 -3.97
C ILE A 128 -14.51 1.67 -4.17
N THR A 129 -14.22 0.77 -3.24
CA THR A 129 -14.69 -0.60 -3.25
C THR A 129 -16.08 -0.73 -2.63
N GLY A 130 -16.79 0.38 -2.48
CA GLY A 130 -18.02 0.41 -1.71
C GLY A 130 -17.83 0.90 -0.29
N ASN A 131 -17.74 -0.03 0.65
CA ASN A 131 -17.58 0.32 2.05
C ASN A 131 -16.19 0.89 2.37
N THR A 132 -15.16 0.51 1.61
CA THR A 132 -13.81 1.03 1.80
C THR A 132 -13.41 1.90 0.60
N ALA A 133 -12.25 2.53 0.73
CA ALA A 133 -11.68 3.30 -0.37
C ALA A 133 -10.16 3.33 -0.22
N THR A 134 -9.45 3.10 -1.32
CA THR A 134 -8.00 3.14 -1.34
C THR A 134 -7.54 4.32 -2.18
N THR A 135 -6.54 5.04 -1.69
CA THR A 135 -5.86 6.04 -2.47
C THR A 135 -4.39 5.67 -2.59
N MET A 136 -3.80 6.05 -3.73
CA MET A 136 -2.35 5.93 -3.90
C MET A 136 -1.87 7.15 -4.66
N GLY A 137 -0.77 7.72 -4.19
CA GLY A 137 -0.22 8.92 -4.79
C GLY A 137 0.95 9.44 -3.95
N ASN A 138 1.18 10.74 -3.98
CA ASN A 138 2.27 11.34 -3.21
C ASN A 138 1.71 12.15 -2.06
N VAL A 139 2.50 12.23 -0.99
CA VAL A 139 2.25 13.16 0.10
C VAL A 139 3.55 13.94 0.30
N ILE A 140 3.42 15.26 0.40
CA ILE A 140 4.55 16.18 0.52
C ILE A 140 4.35 17.00 1.78
N ILE A 141 5.19 16.75 2.79
CA ILE A 141 5.15 17.45 4.07
C ILE A 141 6.36 18.36 4.17
N THR A 142 6.16 19.56 4.69
CA THR A 142 7.24 20.54 4.73
C THR A 142 7.30 21.15 6.13
N ASP A 143 8.53 21.44 6.60
CA ASP A 143 8.81 21.78 7.99
C ASP A 143 8.86 23.29 8.21
N LYS A 144 9.18 23.68 9.46
CA LYS A 144 9.19 25.08 9.86
C LYS A 144 10.07 25.94 8.96
N GLN A 145 11.18 25.38 8.46
CA GLN A 145 12.18 26.08 7.68
C GLN A 145 12.01 25.87 6.18
N GLY A 146 10.93 25.21 5.74
CA GLY A 146 10.61 25.03 4.33
C GLY A 146 11.16 23.78 3.65
N LYS A 147 11.72 22.82 4.39
CA LYS A 147 12.26 21.61 3.79
C LYS A 147 11.15 20.61 3.55
N ALA A 148 11.04 20.14 2.30
CA ALA A 148 9.94 19.29 1.86
C ALA A 148 10.42 17.85 1.73
N THR A 149 9.63 16.92 2.25
CA THR A 149 9.84 15.49 2.08
C THR A 149 8.67 14.90 1.30
N THR A 150 8.99 14.09 0.29
CA THR A 150 7.98 13.46 -0.54
C THR A 150 8.00 11.95 -0.30
N VAL A 151 6.81 11.37 -0.11
CA VAL A 151 6.65 9.93 0.08
C VAL A 151 5.62 9.41 -0.91
N ASP A 152 5.75 8.14 -1.28
CA ASP A 152 4.73 7.40 -2.02
C ASP A 152 3.83 6.71 -1.01
N LYS A 153 2.54 7.04 -1.01
CA LYS A 153 1.67 6.54 0.05
C LYS A 153 0.43 5.85 -0.51
N THR A 154 0.08 4.72 0.13
CA THR A 154 -1.18 4.04 -0.09
C THR A 154 -1.96 4.06 1.20
N TRP A 155 -3.19 4.55 1.14
CA TRP A 155 -4.10 4.58 2.27
C TRP A 155 -5.30 3.71 1.97
N GLN A 156 -5.84 3.08 3.00
CA GLN A 156 -7.15 2.45 2.87
C GLN A 156 -8.00 2.99 4.00
N PHE A 157 -9.21 3.45 3.64
CA PHE A 157 -10.16 4.03 4.58
C PHE A 157 -11.38 3.12 4.66
N LEU A 158 -11.79 2.80 5.88
CA LEU A 158 -13.02 2.06 6.15
C LEU A 158 -14.02 3.01 6.79
N LYS A 159 -15.27 3.00 6.31
CA LYS A 159 -16.35 3.76 6.94
C LYS A 159 -16.96 2.92 8.06
N ASP A 160 -16.81 3.37 9.31
CA ASP A 160 -17.24 2.55 10.44
C ASP A 160 -18.74 2.72 10.69
N ASP A 161 -19.27 1.89 11.59
CA ASP A 161 -20.71 1.90 11.87
C ASP A 161 -21.21 3.30 12.19
N HIS A 162 -20.33 4.23 12.56
CA HIS A 162 -20.70 5.61 12.89
C HIS A 162 -20.45 6.60 11.75
N GLY A 163 -20.01 6.13 10.59
CA GLY A 163 -19.85 7.01 9.46
C GLY A 163 -18.52 7.71 9.38
N LYS A 164 -17.57 7.34 10.24
CA LYS A 164 -16.24 7.92 10.28
C LYS A 164 -15.30 7.02 9.48
N LEU A 165 -14.52 7.64 8.57
CA LEU A 165 -13.53 6.90 7.81
C LEU A 165 -12.30 6.63 8.68
N ARG A 166 -11.84 5.39 8.69
CA ARG A 166 -10.69 5.02 9.49
C ARG A 166 -9.62 4.36 8.63
N ILE A 167 -8.36 4.60 8.97
CA ILE A 167 -7.25 4.05 8.20
C ILE A 167 -6.98 2.63 8.66
N ILE A 168 -7.20 1.67 7.77
CA ILE A 168 -6.86 0.28 8.05
C ILE A 168 -5.62 -0.17 7.31
N THR A 169 -5.13 0.63 6.36
CA THR A 169 -3.92 0.34 5.61
C THR A 169 -3.16 1.63 5.36
N HIS A 170 -1.84 1.57 5.50
CA HIS A 170 -1.02 2.77 5.41
C HIS A 170 0.40 2.34 5.03
N HIS A 171 0.65 2.27 3.72
CA HIS A 171 1.95 1.92 3.19
C HIS A 171 2.65 3.18 2.72
N SER A 172 3.73 3.56 3.40
CA SER A 172 4.55 4.71 3.03
C SER A 172 5.93 4.22 2.62
N SER A 173 6.55 4.92 1.66
CA SER A 173 7.88 4.51 1.22
C SER A 173 8.63 5.69 0.61
N LEU A 174 9.94 5.67 0.78
CA LEU A 174 10.78 6.66 0.10
C LEU A 174 10.76 6.38 -1.40
N PRO A 175 10.60 7.40 -2.25
CA PRO A 175 10.60 7.15 -3.69
C PRO A 175 11.98 6.69 -4.14
N TYR A 176 12.00 5.67 -4.99
CA TYR A 176 13.26 5.07 -5.41
C TYR A 176 14.10 6.04 -6.21
N GLU A 177 15.42 5.89 -6.10
CA GLU A 177 16.39 6.76 -6.75
C GLU A 177 17.64 5.97 -7.11
N GLN A 178 18.16 6.23 -8.31
CA GLN A 178 19.47 5.74 -8.78
C GLN A 178 19.80 4.31 -8.39
N LYS B 16 -28.80 -29.28 -1.08
CA LYS B 16 -28.13 -28.16 -0.39
C LYS B 16 -28.66 -26.84 -0.93
N THR B 17 -28.56 -25.79 -0.12
CA THR B 17 -29.13 -24.50 -0.50
C THR B 17 -28.22 -23.80 -1.49
N PRO B 18 -28.75 -23.32 -2.62
CA PRO B 18 -27.94 -22.50 -3.53
C PRO B 18 -27.49 -21.20 -2.88
N ILE B 19 -26.21 -20.86 -3.11
CA ILE B 19 -25.57 -19.71 -2.46
C ILE B 19 -24.58 -19.07 -3.43
N VAL B 20 -24.77 -17.76 -3.74
CA VAL B 20 -23.72 -16.91 -4.29
C VAL B 20 -22.85 -16.40 -3.13
N ASN B 21 -21.54 -16.27 -3.36
CA ASN B 21 -20.61 -15.86 -2.31
C ASN B 21 -19.59 -14.91 -2.92
N ARG B 22 -19.91 -13.61 -2.90
CA ARG B 22 -18.98 -12.58 -3.35
C ARG B 22 -17.84 -12.36 -2.36
N ALA B 23 -17.95 -12.87 -1.14
CA ALA B 23 -16.95 -12.62 -0.11
C ALA B 23 -15.63 -13.30 -0.48
N ILE B 24 -14.58 -12.95 0.25
CA ILE B 24 -13.26 -13.54 0.07
C ILE B 24 -12.90 -14.29 1.33
N THR B 25 -12.35 -15.48 1.17
CA THR B 25 -11.85 -16.24 2.31
C THR B 25 -10.36 -16.04 2.47
N GLU B 26 -9.87 -16.42 3.64
CA GLU B 26 -8.44 -16.41 3.85
C GLU B 26 -7.75 -17.33 2.87
N SER B 27 -8.40 -18.43 2.48
CA SER B 27 -7.76 -19.37 1.57
C SER B 27 -7.55 -18.74 0.19
N GLU B 28 -8.58 -18.07 -0.34
CA GLU B 28 -8.45 -17.44 -1.65
C GLU B 28 -7.34 -16.41 -1.67
N VAL B 29 -7.25 -15.59 -0.60
CA VAL B 29 -6.18 -14.60 -0.51
C VAL B 29 -4.83 -15.25 -0.69
N LEU B 30 -4.58 -16.32 0.09
CA LEU B 30 -3.28 -16.98 0.04
C LEU B 30 -3.05 -17.69 -1.29
N ALA B 31 -4.11 -18.19 -1.92
CA ALA B 31 -3.98 -18.72 -3.28
C ALA B 31 -3.64 -17.60 -4.27
N ALA B 32 -4.39 -16.49 -4.22
CA ALA B 32 -4.12 -15.39 -5.13
C ALA B 32 -2.67 -14.94 -5.03
N GLN B 33 -2.17 -14.81 -3.79
CA GLN B 33 -0.78 -14.40 -3.56
C GLN B 33 0.20 -15.38 -4.17
N LYS B 34 -0.01 -16.67 -3.91
CA LYS B 34 0.86 -17.67 -4.51
C LYS B 34 0.80 -17.59 -6.02
N ALA B 35 -0.40 -17.41 -6.56
CA ALA B 35 -0.58 -17.37 -8.01
C ALA B 35 0.25 -16.27 -8.65
N TRP B 36 0.34 -15.11 -8.00
CA TRP B 36 1.20 -14.04 -8.50
C TRP B 36 2.64 -14.52 -8.60
N GLY B 37 3.12 -15.24 -7.59
CA GLY B 37 4.50 -15.72 -7.62
C GLY B 37 4.74 -16.71 -8.73
N GLU B 38 3.85 -17.70 -8.86
CA GLU B 38 3.84 -18.56 -10.04
C GLU B 38 3.92 -17.73 -11.32
N ALA B 39 3.08 -16.70 -11.44
CA ALA B 39 3.10 -15.91 -12.66
C ALA B 39 4.45 -15.24 -12.86
N LEU B 40 5.03 -14.67 -11.79
CA LEU B 40 6.31 -14.00 -11.93
C LEU B 40 7.39 -14.98 -12.37
N VAL B 41 7.44 -16.16 -11.77
CA VAL B 41 8.50 -17.10 -12.10
C VAL B 41 8.32 -17.62 -13.52
N ALA B 42 7.08 -17.87 -13.91
CA ALA B 42 6.77 -18.25 -15.30
C ALA B 42 7.32 -17.24 -16.31
N ILE B 43 7.18 -15.95 -16.03
CA ILE B 43 7.75 -14.96 -16.94
C ILE B 43 9.28 -15.09 -16.96
N SER B 44 9.90 -15.07 -15.78
CA SER B 44 11.35 -15.18 -15.71
C SER B 44 11.82 -16.46 -16.35
N THR B 45 11.13 -17.57 -16.07
CA THR B 45 11.49 -18.85 -16.67
C THR B 45 11.39 -18.79 -18.18
N THR B 46 10.24 -18.34 -18.70
CA THR B 46 10.06 -18.23 -20.15
C THR B 46 11.16 -17.38 -20.78
N TYR B 47 11.48 -16.24 -20.16
CA TYR B 47 12.52 -15.38 -20.71
C TYR B 47 13.84 -16.12 -20.87
N ASP B 48 14.21 -16.93 -19.89
CA ASP B 48 15.48 -17.65 -19.93
C ASP B 48 15.51 -18.66 -21.07
N ALA B 49 14.41 -19.40 -21.28
CA ALA B 49 14.39 -20.45 -22.28
C ALA B 49 13.95 -19.96 -23.66
N LYS B 50 12.97 -19.05 -23.75
CA LYS B 50 12.37 -18.71 -25.04
C LYS B 50 12.51 -17.26 -25.45
N GLY B 51 13.21 -16.42 -24.67
CA GLY B 51 13.50 -15.06 -25.08
C GLY B 51 12.40 -14.05 -24.76
N LYS B 52 12.71 -12.79 -25.10
CA LYS B 52 11.84 -11.67 -24.72
C LYS B 52 10.46 -11.75 -25.34
N ALA B 53 10.33 -12.38 -26.52
CA ALA B 53 9.04 -12.34 -27.21
C ALA B 53 8.00 -13.17 -26.48
N SER B 54 8.29 -14.46 -26.26
CA SER B 54 7.33 -15.32 -25.59
C SER B 54 7.02 -14.82 -24.18
N ALA B 55 8.01 -14.21 -23.51
CA ALA B 55 7.84 -13.80 -22.13
C ALA B 55 6.96 -12.56 -21.99
N LYS B 56 7.12 -11.57 -22.90
CA LYS B 56 6.18 -10.46 -22.94
C LYS B 56 4.79 -10.94 -23.31
N ALA B 57 4.69 -11.89 -24.24
CA ALA B 57 3.40 -12.49 -24.52
C ALA B 57 2.82 -13.13 -23.26
N LEU B 58 3.65 -13.88 -22.53
CA LEU B 58 3.21 -14.49 -21.27
C LEU B 58 2.75 -13.43 -20.28
N ALA B 59 3.58 -12.41 -20.06
CA ALA B 59 3.28 -11.38 -19.06
C ALA B 59 2.00 -10.62 -19.38
N GLU B 60 1.66 -10.49 -20.67
CA GLU B 60 0.37 -9.91 -21.03
C GLU B 60 -0.80 -10.73 -20.47
N LYS B 61 -0.82 -12.03 -20.74
CA LYS B 61 -1.90 -12.86 -20.22
C LYS B 61 -1.90 -12.86 -18.69
N VAL B 62 -0.74 -12.68 -18.08
CA VAL B 62 -0.62 -12.64 -16.64
C VAL B 62 -1.25 -11.36 -16.08
N ILE B 63 -0.85 -10.21 -16.63
CA ILE B 63 -1.35 -8.94 -16.12
C ILE B 63 -2.86 -8.81 -16.33
N ASP B 64 -3.37 -9.32 -17.46
CA ASP B 64 -4.81 -9.32 -17.69
C ASP B 64 -5.51 -10.27 -16.73
N ASP B 65 -4.84 -11.35 -16.36
CA ASP B 65 -5.44 -12.33 -15.45
C ASP B 65 -5.38 -11.87 -14.00
N ALA B 66 -4.18 -11.48 -13.53
CA ALA B 66 -3.95 -11.21 -12.12
C ALA B 66 -4.35 -9.81 -11.68
N TYR B 67 -4.34 -8.85 -12.59
CA TYR B 67 -4.62 -7.46 -12.26
C TYR B 67 -6.02 -7.07 -12.72
N GLY B 68 -6.42 -5.86 -12.36
CA GLY B 68 -7.78 -5.41 -12.56
C GLY B 68 -7.77 -4.10 -13.30
N TYR B 69 -6.85 -3.97 -14.27
CA TYR B 69 -6.88 -2.88 -15.24
C TYR B 69 -8.13 -2.90 -16.10
N GLN B 70 -8.91 -3.99 -16.06
CA GLN B 70 -10.24 -4.02 -16.64
C GLN B 70 -11.14 -2.93 -16.04
N PHE B 71 -11.06 -2.71 -14.73
CA PHE B 71 -11.99 -1.83 -14.03
C PHE B 71 -11.58 -0.38 -14.09
N GLY B 72 -10.40 -0.08 -14.62
CA GLY B 72 -9.87 1.26 -14.57
C GLY B 72 -8.47 1.22 -14.01
N PRO B 73 -8.02 2.32 -13.42
CA PRO B 73 -6.66 2.35 -12.89
C PRO B 73 -6.46 1.29 -11.82
N VAL B 74 -5.29 0.67 -11.83
CA VAL B 74 -4.82 -0.13 -10.71
C VAL B 74 -3.82 0.70 -9.94
N LEU B 75 -3.86 0.61 -8.61
CA LEU B 75 -2.99 1.41 -7.73
C LEU B 75 -1.68 0.63 -7.57
N PHE B 76 -0.86 0.69 -8.63
CA PHE B 76 0.37 -0.09 -8.71
C PHE B 76 1.55 0.85 -8.59
N LYS B 77 2.24 0.77 -7.45
CA LYS B 77 3.50 1.46 -7.24
C LYS B 77 4.59 0.41 -7.18
N PRO B 78 5.32 0.18 -8.26
CA PRO B 78 6.33 -0.90 -8.27
C PRO B 78 7.58 -0.50 -7.50
N THR B 79 8.29 -1.54 -7.04
CA THR B 79 9.47 -1.35 -6.18
C THR B 79 10.43 -0.31 -6.75
N LEU B 80 10.80 -0.46 -8.03
CA LEU B 80 11.89 0.28 -8.64
C LEU B 80 11.43 1.38 -9.62
N ALA B 81 10.15 1.72 -9.65
CA ALA B 81 9.68 2.77 -10.54
C ALA B 81 10.26 4.12 -10.11
N ILE B 82 10.49 5.01 -11.09
CA ILE B 82 11.20 6.25 -10.85
C ILE B 82 10.26 7.42 -11.09
N SER B 83 10.50 8.51 -10.33
CA SER B 83 9.69 9.71 -10.07
C SER B 83 8.69 10.10 -11.15
N PRO B 84 9.10 10.26 -12.41
CA PRO B 84 8.11 10.68 -13.43
C PRO B 84 7.02 9.64 -13.66
N ARG B 85 7.36 8.34 -13.61
CA ARG B 85 6.38 7.26 -13.82
C ARG B 85 6.45 6.29 -12.65
N THR B 86 6.17 6.84 -11.45
CA THR B 86 6.14 6.05 -10.23
C THR B 86 4.94 5.11 -10.20
N PHE B 87 3.78 5.59 -10.59
CA PHE B 87 2.53 4.84 -10.45
C PHE B 87 2.13 4.30 -11.82
N ARG B 88 2.07 2.98 -11.93
CA ARG B 88 1.68 2.33 -13.18
C ARG B 88 0.17 2.06 -13.15
N THR B 89 -0.61 3.12 -13.37
CA THR B 89 -2.07 2.97 -13.40
C THR B 89 -2.58 2.38 -14.71
N THR B 90 -1.71 2.08 -15.68
CA THR B 90 -2.15 1.52 -16.96
C THR B 90 -1.58 0.12 -17.17
N ARG B 91 -2.33 -0.69 -17.90
CA ARG B 91 -1.88 -2.03 -18.27
C ARG B 91 -0.49 -1.98 -18.88
N ALA B 92 -0.22 -0.93 -19.69
CA ALA B 92 1.09 -0.78 -20.30
C ALA B 92 2.16 -0.49 -19.26
N GLY B 93 1.84 0.39 -18.29
CA GLY B 93 2.77 0.66 -17.21
C GLY B 93 3.21 -0.58 -16.46
N ALA B 94 2.28 -1.50 -16.22
CA ALA B 94 2.64 -2.74 -15.53
C ALA B 94 3.51 -3.61 -16.44
N LEU B 95 3.04 -3.87 -17.65
CA LEU B 95 3.82 -4.69 -18.58
C LEU B 95 5.23 -4.14 -18.76
N ALA B 96 5.37 -2.82 -18.86
CA ALA B 96 6.70 -2.24 -19.01
C ALA B 96 7.54 -2.46 -17.76
N TYR B 97 6.95 -2.37 -16.56
CA TYR B 97 7.73 -2.67 -15.37
C TYR B 97 8.21 -4.12 -15.37
N PHE B 98 7.38 -5.03 -15.88
CA PHE B 98 7.72 -6.43 -15.74
C PHE B 98 8.68 -6.93 -16.79
N VAL B 99 8.62 -6.39 -18.01
CA VAL B 99 9.40 -6.94 -19.11
C VAL B 99 10.03 -5.85 -19.97
N GLY B 100 10.02 -4.60 -19.48
CA GLY B 100 10.60 -3.53 -20.28
C GLY B 100 10.01 -3.50 -21.67
N ASP B 101 10.82 -3.08 -22.65
CA ASP B 101 10.47 -3.13 -24.07
C ASP B 101 9.28 -2.21 -24.38
N ASP B 102 9.39 -0.94 -23.98
CA ASP B 102 8.33 0.04 -24.19
C ASP B 102 8.97 1.42 -24.06
N LYS B 103 9.31 2.02 -25.21
CA LYS B 103 9.97 3.31 -25.23
C LYS B 103 9.26 4.35 -24.37
N ALA B 104 8.01 4.11 -23.98
CA ALA B 104 7.33 5.04 -23.09
C ALA B 104 7.86 4.95 -21.66
N PHE B 105 8.51 3.84 -21.30
CA PHE B 105 9.15 3.66 -20.00
C PHE B 105 10.62 3.38 -20.23
N PRO B 106 11.40 4.39 -20.62
CA PRO B 106 12.83 4.17 -20.91
C PRO B 106 13.59 3.46 -19.80
N GLU B 107 13.30 3.80 -18.55
CA GLU B 107 14.07 3.27 -17.44
C GLU B 107 13.69 1.85 -17.05
N ASP B 108 12.75 1.21 -17.76
CA ASP B 108 12.25 -0.10 -17.35
C ASP B 108 12.96 -1.18 -18.14
N LYS B 109 13.86 -1.91 -17.48
CA LYS B 109 14.53 -3.03 -18.11
C LYS B 109 13.75 -4.34 -18.03
N GLY B 110 12.74 -4.44 -17.17
CA GLY B 110 11.97 -5.66 -17.10
C GLY B 110 12.26 -6.47 -15.85
N PHE B 111 11.51 -6.18 -14.78
CA PHE B 111 11.83 -6.71 -13.46
C PHE B 111 11.72 -8.24 -13.40
N ALA B 112 10.86 -8.83 -14.23
CA ALA B 112 10.68 -10.28 -14.22
C ALA B 112 11.75 -11.00 -15.02
N LEU B 113 12.63 -10.26 -15.70
CA LEU B 113 13.63 -10.84 -16.58
C LEU B 113 14.87 -11.30 -15.84
N SER B 114 14.84 -11.36 -14.50
CA SER B 114 16.01 -11.63 -13.69
C SER B 114 16.10 -13.10 -13.26
N SER B 115 15.53 -14.01 -14.03
CA SER B 115 15.71 -15.44 -13.77
C SER B 115 15.24 -15.80 -12.36
N TRP B 116 14.02 -15.39 -12.02
CA TRP B 116 13.44 -15.74 -10.74
C TRP B 116 13.05 -17.22 -10.71
N ARG B 117 13.28 -17.88 -9.57
CA ARG B 117 12.91 -19.29 -9.42
C ARG B 117 12.04 -19.59 -8.22
N LYS B 118 12.02 -18.76 -7.19
CA LYS B 118 11.25 -19.02 -5.97
C LYS B 118 10.69 -17.73 -5.41
N VAL B 119 9.50 -17.83 -4.81
CA VAL B 119 8.79 -16.70 -4.23
C VAL B 119 8.20 -17.16 -2.91
N GLU B 120 8.51 -16.41 -1.86
CA GLU B 120 7.98 -16.67 -0.52
C GLU B 120 7.17 -15.47 -0.07
N ILE B 121 5.96 -15.71 0.45
CA ILE B 121 5.07 -14.65 0.93
C ILE B 121 5.05 -14.70 2.45
N LYS B 122 5.32 -13.57 3.10
CA LYS B 122 5.39 -13.53 4.56
C LYS B 122 4.46 -12.42 5.03
N ASN B 123 3.23 -12.80 5.33
CA ASN B 123 2.21 -11.83 5.67
C ASN B 123 2.38 -11.36 7.11
N ALA B 124 2.35 -10.04 7.30
CA ALA B 124 2.23 -9.46 8.62
C ALA B 124 0.77 -9.30 9.06
N ALA B 125 -0.15 -8.94 8.15
CA ALA B 125 -1.55 -8.79 8.52
C ALA B 125 -2.41 -8.97 7.27
N ILE B 126 -3.63 -9.44 7.47
CA ILE B 126 -4.62 -9.54 6.41
C ILE B 126 -5.91 -8.89 6.88
N PHE B 127 -6.51 -8.09 6.00
CA PHE B 127 -7.79 -7.42 6.27
C PHE B 127 -8.76 -7.83 5.17
N ILE B 128 -9.76 -8.64 5.52
CA ILE B 128 -10.81 -9.03 4.58
C ILE B 128 -11.96 -8.08 4.84
N THR B 129 -12.08 -7.07 3.97
CA THR B 129 -13.13 -6.06 4.02
C THR B 129 -14.19 -6.39 2.98
N GLY B 130 -15.05 -7.35 3.33
CA GLY B 130 -16.15 -7.78 2.46
C GLY B 130 -15.77 -8.57 1.20
N ASN B 131 -15.92 -7.95 0.03
CA ASN B 131 -15.56 -8.62 -1.22
C ASN B 131 -14.20 -8.17 -1.74
N THR B 132 -13.45 -7.43 -0.93
CA THR B 132 -12.05 -7.13 -1.18
C THR B 132 -11.22 -7.71 -0.04
N ALA B 133 -9.93 -7.88 -0.26
CA ALA B 133 -9.04 -8.27 0.83
C ALA B 133 -7.70 -7.57 0.64
N THR B 134 -7.07 -7.18 1.75
CA THR B 134 -5.77 -6.51 1.75
C THR B 134 -4.77 -7.30 2.61
N THR B 135 -3.61 -7.59 2.03
CA THR B 135 -2.49 -8.14 2.77
C THR B 135 -1.37 -7.12 2.83
N MET B 136 -0.62 -7.15 3.92
CA MET B 136 0.64 -6.43 4.05
C MET B 136 1.65 -7.36 4.68
N GLY B 137 2.83 -7.41 4.10
CA GLY B 137 3.88 -8.27 4.62
C GLY B 137 5.12 -8.16 3.77
N ASN B 138 5.98 -9.15 3.88
CA ASN B 138 7.16 -9.23 3.05
C ASN B 138 6.94 -10.22 1.93
N VAL B 139 7.65 -10.00 0.84
CA VAL B 139 7.78 -11.02 -0.20
C VAL B 139 9.26 -11.20 -0.48
N ILE B 140 9.68 -12.45 -0.62
CA ILE B 140 11.08 -12.78 -0.86
C ILE B 140 11.18 -13.51 -2.18
N ILE B 141 11.90 -12.94 -3.13
CA ILE B 141 12.08 -13.51 -4.46
C ILE B 141 13.55 -13.87 -4.65
N THR B 142 13.80 -15.14 -4.98
CA THR B 142 15.16 -15.65 -5.12
C THR B 142 15.38 -16.12 -6.55
N ASP B 143 16.59 -15.90 -7.07
CA ASP B 143 16.85 -16.18 -8.47
C ASP B 143 17.50 -17.54 -8.65
N LYS B 144 18.04 -17.79 -9.86
CA LYS B 144 18.60 -19.09 -10.20
C LYS B 144 19.85 -19.38 -9.40
N GLN B 145 20.63 -18.35 -9.05
CA GLN B 145 21.87 -18.49 -8.30
C GLN B 145 21.67 -18.41 -6.80
N GLY B 146 20.43 -18.18 -6.34
CA GLY B 146 20.13 -18.08 -4.93
C GLY B 146 20.13 -16.69 -4.34
N LYS B 147 20.33 -15.64 -5.16
CA LYS B 147 20.27 -14.27 -4.65
C LYS B 147 18.82 -13.91 -4.36
N ALA B 148 18.49 -13.74 -3.08
CA ALA B 148 17.17 -13.35 -2.66
C ALA B 148 17.05 -11.83 -2.63
N THR B 149 15.86 -11.33 -2.94
CA THR B 149 15.52 -9.92 -2.80
C THR B 149 14.24 -9.81 -1.99
N THR B 150 14.16 -8.78 -1.16
CA THR B 150 13.09 -8.67 -0.20
C THR B 150 12.37 -7.33 -0.37
N VAL B 151 11.06 -7.40 -0.55
CA VAL B 151 10.25 -6.20 -0.63
C VAL B 151 9.23 -6.20 0.50
N ASP B 152 8.89 -4.98 0.94
CA ASP B 152 7.68 -4.71 1.71
C ASP B 152 6.52 -4.53 0.74
N LYS B 153 5.44 -5.28 0.93
CA LYS B 153 4.40 -5.36 -0.09
C LYS B 153 3.00 -5.23 0.52
N THR B 154 2.15 -4.44 -0.15
CA THR B 154 0.73 -4.36 0.14
C THR B 154 -0.04 -4.74 -1.12
N TRP B 155 -0.91 -5.75 -1.00
CA TRP B 155 -1.77 -6.20 -2.08
C TRP B 155 -3.22 -5.97 -1.68
N GLN B 156 -4.03 -5.50 -2.62
CA GLN B 156 -5.48 -5.53 -2.46
C GLN B 156 -6.09 -6.31 -3.62
N PHE B 157 -6.89 -7.30 -3.26
CA PHE B 157 -7.60 -8.16 -4.20
C PHE B 157 -9.07 -7.79 -4.18
N LEU B 158 -9.67 -7.79 -5.37
CA LEU B 158 -11.10 -7.64 -5.53
C LEU B 158 -11.60 -8.93 -6.19
N LYS B 159 -12.63 -9.53 -5.60
CA LYS B 159 -13.24 -10.72 -6.18
C LYS B 159 -14.30 -10.28 -7.19
N ASP B 160 -14.05 -10.53 -8.49
CA ASP B 160 -14.88 -10.02 -9.57
C ASP B 160 -16.16 -10.86 -9.77
N ASP B 161 -17.01 -10.39 -10.68
CA ASP B 161 -18.31 -11.02 -10.87
C ASP B 161 -18.19 -12.52 -11.13
N HIS B 162 -17.02 -12.96 -11.58
CA HIS B 162 -16.75 -14.35 -11.93
C HIS B 162 -16.05 -15.14 -10.84
N GLY B 163 -15.88 -14.56 -9.65
CA GLY B 163 -15.27 -15.23 -8.52
C GLY B 163 -13.76 -15.24 -8.49
N LYS B 164 -13.09 -14.47 -9.34
CA LYS B 164 -11.64 -14.44 -9.41
C LYS B 164 -11.08 -13.19 -8.72
N LEU B 165 -10.03 -13.38 -7.94
CA LEU B 165 -9.39 -12.26 -7.28
C LEU B 165 -8.55 -11.51 -8.29
N ARG B 166 -8.53 -10.18 -8.15
CA ARG B 166 -7.87 -9.31 -9.11
C ARG B 166 -7.11 -8.24 -8.33
N ILE B 167 -5.88 -7.97 -8.74
CA ILE B 167 -5.07 -7.01 -8.00
C ILE B 167 -5.53 -5.61 -8.39
N ILE B 168 -6.05 -4.87 -7.41
CA ILE B 168 -6.40 -3.47 -7.62
C ILE B 168 -5.47 -2.52 -6.90
N THR B 169 -4.71 -2.99 -5.91
CA THR B 169 -3.64 -2.22 -5.29
C THR B 169 -2.39 -3.07 -5.14
N HIS B 170 -1.23 -2.47 -5.43
CA HIS B 170 0.06 -3.17 -5.42
C HIS B 170 1.14 -2.12 -5.12
N HIS B 171 1.44 -1.96 -3.83
CA HIS B 171 2.48 -1.05 -3.35
C HIS B 171 3.66 -1.89 -2.92
N SER B 172 4.79 -1.74 -3.59
CA SER B 172 6.01 -2.46 -3.24
C SER B 172 7.13 -1.49 -2.93
N SER B 173 7.90 -1.77 -1.88
CA SER B 173 9.01 -0.90 -1.56
C SER B 173 10.20 -1.67 -1.01
N LEU B 174 11.38 -1.12 -1.28
CA LEU B 174 12.62 -1.67 -0.74
C LEU B 174 12.67 -1.38 0.76
N PRO B 175 13.02 -2.37 1.58
CA PRO B 175 13.02 -2.14 3.04
C PRO B 175 13.97 -1.01 3.40
N TYR B 176 13.49 -0.09 4.24
CA TYR B 176 14.34 1.00 4.68
C TYR B 176 15.51 0.49 5.53
N GLU B 177 16.69 1.04 5.29
CA GLU B 177 17.89 0.71 6.05
C GLU B 177 18.61 2.00 6.42
N GLN B 178 18.96 2.13 7.70
CA GLN B 178 19.90 3.14 8.23
C GLN B 178 20.34 4.25 7.28
C BCT C . 5.18 8.13 7.51
O1 BCT C . 4.09 8.75 7.60
O2 BCT C . 5.16 6.91 7.24
O3 BCT C . 6.28 8.72 7.70
C BCT D . 7.64 -5.18 -7.92
O1 BCT D . 7.37 -3.97 -7.74
O2 BCT D . 6.73 -5.98 -8.29
O3 BCT D . 8.81 -5.61 -7.75
#